data_7DUV
#
_entry.id   7DUV
#
_cell.length_a   61.773
_cell.length_b   61.773
_cell.length_c   171.925
_cell.angle_alpha   90.000
_cell.angle_beta   90.000
_cell.angle_gamma   90.000
#
_symmetry.space_group_name_H-M   'P 43 21 2'
#
loop_
_entity.id
_entity.type
_entity.pdbx_description
1 polymer SegB
2 non-polymer 'SULFATE ION'
3 water water
#
_entity_poly.entity_id   1
_entity_poly.type   'polypeptide(L)'
_entity_poly.pdbx_seq_one_letter_code
;MSELDFLLKKKRKSEDEEKIINNNENAKKEEITNEEEKIKNDMLKYIEKDPKIGVWSYPAFLVLQYLYHTVPGFKMSRTA
KEALEKGLKEMYPTLFTIAEKIAKERFKEHHHHHH
;
_entity_poly.pdbx_strand_id   A,B,C
#
loop_
_chem_comp.id
_chem_comp.type
_chem_comp.name
_chem_comp.formula
SO4 non-polymer 'SULFATE ION' 'O4 S -2'
#
# COMPACT_ATOMS: atom_id res chain seq x y z
N GLU A 35 10.03 4.09 -17.56
CA GLU A 35 9.56 3.07 -16.62
C GLU A 35 10.71 2.17 -16.20
N GLU A 36 10.89 1.08 -16.95
CA GLU A 36 11.99 0.15 -16.69
C GLU A 36 13.34 0.82 -16.90
N GLU A 37 13.49 1.56 -17.99
CA GLU A 37 14.74 2.27 -18.24
C GLU A 37 14.92 3.47 -17.31
N LYS A 38 13.87 3.91 -16.62
CA LYS A 38 14.10 4.90 -15.58
C LYS A 38 14.73 4.24 -14.36
N ILE A 39 14.33 3.00 -14.08
CA ILE A 39 14.87 2.25 -12.96
C ILE A 39 16.33 1.88 -13.22
N LYS A 40 16.65 1.57 -14.48
CA LYS A 40 18.01 1.16 -14.83
C LYS A 40 19.05 2.24 -14.50
N ASN A 41 18.74 3.50 -14.81
CA ASN A 41 19.71 4.57 -14.57
C ASN A 41 19.99 4.73 -13.07
N ASP A 42 18.94 4.71 -12.24
CA ASP A 42 19.15 4.85 -10.80
C ASP A 42 19.94 3.67 -10.25
N MET A 43 19.58 2.46 -10.66
CA MET A 43 20.28 1.28 -10.16
C MET A 43 21.75 1.29 -10.58
N LEU A 44 22.05 1.77 -11.79
CA LEU A 44 23.45 1.90 -12.16
C LEU A 44 24.14 3.01 -11.39
N LYS A 45 23.38 4.02 -10.95
CA LYS A 45 23.96 5.01 -10.05
C LYS A 45 24.30 4.40 -8.69
N TYR A 46 23.57 3.37 -8.28
CA TYR A 46 23.82 2.74 -6.99
C TYR A 46 24.88 1.64 -7.03
N ILE A 47 25.28 1.18 -8.22
CA ILE A 47 26.38 0.22 -8.32
C ILE A 47 27.67 0.81 -7.75
N GLU A 48 27.87 2.12 -7.97
CA GLU A 48 29.14 2.75 -7.60
C GLU A 48 29.46 2.60 -6.12
N LYS A 49 28.45 2.41 -5.28
CA LYS A 49 28.65 2.34 -3.84
C LYS A 49 28.80 0.88 -3.38
N ASP A 50 29.25 0.74 -2.14
CA ASP A 50 29.45 -0.58 -1.53
C ASP A 50 28.12 -1.14 -1.03
N PRO A 51 27.76 -2.36 -1.41
CA PRO A 51 26.44 -2.88 -1.01
C PRO A 51 26.42 -3.36 0.44
N LYS A 52 26.98 -2.58 1.36
CA LYS A 52 26.87 -2.92 2.76
C LYS A 52 25.42 -2.77 3.22
N ILE A 53 24.83 -3.85 3.72
CA ILE A 53 23.49 -3.85 4.26
C ILE A 53 23.57 -4.29 5.72
N GLY A 54 22.95 -3.52 6.60
CA GLY A 54 23.02 -3.80 8.02
C GLY A 54 21.68 -4.14 8.63
N VAL A 55 21.62 -5.22 9.40
CA VAL A 55 20.38 -5.68 10.03
C VAL A 55 20.63 -5.88 11.51
N TRP A 56 19.74 -5.31 12.32
CA TRP A 56 19.73 -5.46 13.77
C TRP A 56 18.52 -6.31 14.11
N SER A 57 18.73 -7.62 14.29
CA SER A 57 17.63 -8.55 14.49
C SER A 57 18.09 -9.64 15.45
N TYR A 58 17.46 -9.70 16.62
CA TYR A 58 17.82 -10.71 17.62
C TYR A 58 17.57 -12.14 17.16
N PRO A 59 16.41 -12.50 16.60
CA PRO A 59 16.23 -13.90 16.16
C PRO A 59 17.24 -14.34 15.10
N ALA A 60 17.42 -13.54 14.05
CA ALA A 60 18.35 -13.89 13.00
C ALA A 60 19.78 -13.96 13.53
N PHE A 61 20.16 -13.03 14.41
CA PHE A 61 21.49 -13.07 14.99
C PHE A 61 21.68 -14.33 15.83
N LEU A 62 20.68 -14.70 16.62
CA LEU A 62 20.80 -15.87 17.47
C LEU A 62 20.94 -17.14 16.64
N VAL A 63 20.10 -17.29 15.61
CA VAL A 63 20.20 -18.49 14.77
C VAL A 63 21.54 -18.53 14.03
N LEU A 64 21.98 -17.40 13.48
CA LEU A 64 23.24 -17.39 12.74
C LEU A 64 24.41 -17.71 13.65
N GLN A 65 24.44 -17.13 14.85
CA GLN A 65 25.54 -17.40 15.77
C GLN A 65 25.50 -18.81 16.30
N TYR A 66 24.29 -19.35 16.52
CA TYR A 66 24.19 -20.75 16.92
C TYR A 66 24.77 -21.66 15.86
N LEU A 67 24.41 -21.42 14.59
CA LEU A 67 24.96 -22.25 13.52
C LEU A 67 26.46 -22.06 13.38
N TYR A 68 26.95 -20.82 13.53
CA TYR A 68 28.37 -20.57 13.42
C TYR A 68 29.15 -21.34 14.49
N HIS A 69 28.67 -21.32 15.73
CA HIS A 69 29.38 -22.03 16.79
C HIS A 69 29.10 -23.51 16.82
N THR A 70 28.06 -23.99 16.12
CA THR A 70 27.72 -25.39 16.27
C THR A 70 28.17 -26.26 15.11
N VAL A 71 28.15 -25.76 13.88
CA VAL A 71 28.59 -26.54 12.72
C VAL A 71 29.86 -25.89 12.18
N PRO A 72 30.96 -26.64 12.07
CA PRO A 72 32.21 -26.04 11.56
C PRO A 72 32.06 -25.56 10.13
N GLY A 73 32.84 -24.55 9.78
CA GLY A 73 32.85 -24.06 8.42
C GLY A 73 31.59 -23.39 7.96
N PHE A 74 30.73 -22.97 8.89
CA PHE A 74 29.45 -22.37 8.54
C PHE A 74 29.68 -20.95 8.03
N LYS A 75 29.37 -20.74 6.74
CA LYS A 75 29.47 -19.42 6.12
C LYS A 75 28.26 -18.60 6.55
N MET A 76 28.39 -17.95 7.71
CA MET A 76 27.30 -17.19 8.29
C MET A 76 26.87 -16.04 7.39
N SER A 77 27.83 -15.32 6.81
CA SER A 77 27.52 -14.17 5.99
C SER A 77 26.84 -14.58 4.68
N ARG A 78 27.30 -15.68 4.08
CA ARG A 78 26.68 -16.17 2.86
C ARG A 78 25.22 -16.55 3.09
N THR A 79 24.95 -17.28 4.18
CA THR A 79 23.58 -17.68 4.47
C THR A 79 22.72 -16.47 4.82
N ALA A 80 23.27 -15.49 5.52
CA ALA A 80 22.51 -14.27 5.80
C ALA A 80 22.19 -13.51 4.52
N LYS A 81 23.15 -13.42 3.60
CA LYS A 81 22.88 -12.80 2.31
C LYS A 81 21.81 -13.56 1.55
N GLU A 82 21.87 -14.89 1.56
CA GLU A 82 20.84 -15.70 0.91
C GLU A 82 19.47 -15.43 1.52
N ALA A 83 19.40 -15.33 2.85
CA ALA A 83 18.13 -15.07 3.51
C ALA A 83 17.58 -13.71 3.10
N LEU A 84 18.43 -12.69 3.11
CA LEU A 84 17.99 -11.36 2.72
C LEU A 84 17.52 -11.34 1.27
N GLU A 85 18.28 -11.98 0.38
CA GLU A 85 17.91 -11.99 -1.03
C GLU A 85 16.61 -12.75 -1.25
N LYS A 86 16.45 -13.89 -0.58
CA LYS A 86 15.22 -14.68 -0.71
C LYS A 86 14.00 -13.88 -0.25
N GLY A 87 14.06 -13.33 0.97
CA GLY A 87 12.92 -12.61 1.50
C GLY A 87 12.61 -11.35 0.71
N LEU A 88 13.64 -10.63 0.28
CA LEU A 88 13.44 -9.39 -0.45
C LEU A 88 12.91 -9.66 -1.86
N LYS A 89 13.37 -10.74 -2.49
CA LYS A 89 12.81 -11.13 -3.78
C LYS A 89 11.36 -11.56 -3.65
N GLU A 90 11.02 -12.25 -2.56
CA GLU A 90 9.61 -12.58 -2.34
C GLU A 90 8.77 -11.33 -2.15
N MET A 91 9.29 -10.32 -1.43
CA MET A 91 8.50 -9.10 -1.23
C MET A 91 8.43 -8.26 -2.51
N TYR A 92 9.55 -8.09 -3.22
CA TYR A 92 9.63 -7.22 -4.39
C TYR A 92 10.25 -7.99 -5.56
N PRO A 93 9.52 -8.97 -6.12
CA PRO A 93 10.13 -9.82 -7.15
C PRO A 93 10.59 -9.08 -8.39
N THR A 94 9.80 -8.13 -8.89
CA THR A 94 10.19 -7.44 -10.13
C THR A 94 11.41 -6.56 -9.90
N LEU A 95 11.41 -5.76 -8.83
CA LEU A 95 12.58 -4.93 -8.55
C LEU A 95 13.81 -5.79 -8.27
N PHE A 96 13.64 -6.90 -7.56
CA PHE A 96 14.78 -7.76 -7.28
C PHE A 96 15.34 -8.35 -8.57
N THR A 97 14.45 -8.78 -9.49
CA THR A 97 14.92 -9.32 -10.76
C THR A 97 15.61 -8.25 -11.60
N ILE A 98 15.08 -7.03 -11.60
CA ILE A 98 15.73 -5.94 -12.33
C ILE A 98 17.12 -5.67 -11.76
N ALA A 99 17.22 -5.57 -10.43
CA ALA A 99 18.51 -5.32 -9.81
C ALA A 99 19.50 -6.44 -10.09
N GLU A 100 19.02 -7.69 -10.01
CA GLU A 100 19.88 -8.83 -10.27
C GLU A 100 20.35 -8.86 -11.72
N LYS A 101 19.45 -8.56 -12.67
CA LYS A 101 19.84 -8.51 -14.08
C LYS A 101 20.85 -7.39 -14.34
N ILE A 102 20.63 -6.21 -13.75
CA ILE A 102 21.57 -5.10 -13.94
C ILE A 102 22.93 -5.44 -13.35
N ALA A 103 22.94 -6.00 -12.13
CA ALA A 103 24.21 -6.35 -11.50
C ALA A 103 24.93 -7.45 -12.27
N LYS A 104 24.19 -8.48 -12.69
CA LYS A 104 24.80 -9.57 -13.46
C LYS A 104 25.34 -9.07 -14.78
N GLU A 105 24.52 -8.36 -15.56
CA GLU A 105 24.93 -7.87 -16.87
C GLU A 105 25.98 -6.77 -16.79
N ARG A 106 26.43 -6.40 -15.59
CA ARG A 106 27.62 -5.59 -15.41
C ARG A 106 28.87 -6.45 -15.22
N PHE A 107 28.87 -7.66 -15.79
CA PHE A 107 30.01 -8.56 -15.60
C PHE A 107 31.21 -8.13 -16.42
N LYS A 108 30.99 -7.62 -17.64
CA LYS A 108 32.10 -7.26 -18.50
C LYS A 108 31.70 -6.19 -19.50
N GLU B 35 15.36 17.18 -4.71
CA GLU B 35 14.59 16.56 -3.64
C GLU B 35 13.23 16.06 -4.10
N GLU B 36 12.19 16.40 -3.33
CA GLU B 36 10.81 16.01 -3.54
C GLU B 36 10.03 16.96 -4.47
N GLU B 37 10.75 17.86 -5.17
CA GLU B 37 10.17 18.53 -6.33
C GLU B 37 10.05 17.64 -7.55
N LYS B 38 10.75 16.50 -7.60
CA LYS B 38 10.55 15.60 -8.72
C LYS B 38 9.24 14.83 -8.59
N ILE B 39 8.85 14.49 -7.37
CA ILE B 39 7.60 13.80 -7.14
C ILE B 39 6.45 14.72 -7.50
N LYS B 40 6.60 16.02 -7.25
CA LYS B 40 5.57 16.98 -7.65
C LYS B 40 5.36 16.95 -9.15
N ASN B 41 6.44 16.91 -9.93
CA ASN B 41 6.31 16.83 -11.38
C ASN B 41 5.66 15.52 -11.80
N ASP B 42 6.06 14.41 -11.16
CA ASP B 42 5.48 13.13 -11.53
C ASP B 42 3.99 13.11 -11.28
N MET B 43 3.55 13.65 -10.14
CA MET B 43 2.13 13.75 -9.86
C MET B 43 1.44 14.70 -10.82
N LEU B 44 2.08 15.84 -11.13
CA LEU B 44 1.53 16.80 -12.06
C LEU B 44 1.38 16.23 -13.46
N LYS B 45 2.10 15.16 -13.79
CA LYS B 45 1.89 14.50 -15.07
C LYS B 45 0.47 13.97 -15.17
N TYR B 46 -0.20 13.72 -14.05
CA TYR B 46 -1.46 13.00 -14.05
C TYR B 46 -2.63 13.95 -13.81
N ILE B 47 -2.37 15.25 -13.67
CA ILE B 47 -3.35 16.18 -13.13
C ILE B 47 -4.50 16.43 -14.09
N GLU B 48 -4.34 16.06 -15.36
CA GLU B 48 -5.41 16.23 -16.34
C GLU B 48 -6.47 15.14 -16.25
N LYS B 49 -6.18 14.04 -15.57
CA LYS B 49 -6.95 12.80 -15.68
C LYS B 49 -8.09 12.77 -14.66
N ASP B 50 -8.98 11.79 -14.85
CA ASP B 50 -10.13 11.62 -13.96
C ASP B 50 -9.71 10.90 -12.69
N PRO B 51 -9.96 11.47 -11.51
CA PRO B 51 -9.50 10.83 -10.27
C PRO B 51 -10.42 9.71 -9.79
N LYS B 52 -10.85 8.84 -10.68
CA LYS B 52 -11.70 7.73 -10.25
C LYS B 52 -10.84 6.66 -9.58
N ILE B 53 -11.27 6.25 -8.39
CA ILE B 53 -10.62 5.18 -7.64
C ILE B 53 -11.66 4.10 -7.36
N GLY B 54 -11.32 2.86 -7.65
CA GLY B 54 -12.23 1.75 -7.49
C GLY B 54 -11.73 0.81 -6.39
N VAL B 55 -12.62 0.52 -5.45
CA VAL B 55 -12.32 -0.32 -4.30
C VAL B 55 -13.40 -1.38 -4.19
N TRP B 56 -13.00 -2.60 -3.86
CA TRP B 56 -13.92 -3.72 -3.63
C TRP B 56 -13.63 -4.26 -2.23
N SER B 57 -14.28 -3.68 -1.22
CA SER B 57 -14.03 -4.03 0.18
C SER B 57 -15.36 -4.35 0.85
N TYR B 58 -15.54 -5.60 1.27
CA TYR B 58 -16.76 -5.98 1.96
C TYR B 58 -16.98 -5.24 3.28
N PRO B 59 -15.99 -5.12 4.18
CA PRO B 59 -16.25 -4.39 5.43
C PRO B 59 -16.67 -2.94 5.22
N ALA B 60 -15.92 -2.20 4.41
CA ALA B 60 -16.25 -0.80 4.15
C ALA B 60 -17.59 -0.67 3.44
N PHE B 61 -17.88 -1.58 2.52
CA PHE B 61 -19.17 -1.57 1.84
C PHE B 61 -20.32 -1.76 2.83
N LEU B 62 -20.17 -2.72 3.75
CA LEU B 62 -21.22 -2.96 4.73
C LEU B 62 -21.40 -1.75 5.65
N VAL B 63 -20.30 -1.15 6.10
CA VAL B 63 -20.39 0.04 6.95
C VAL B 63 -21.10 1.16 6.21
N LEU B 64 -20.73 1.38 4.95
CA LEU B 64 -21.35 2.46 4.18
C LEU B 64 -22.83 2.21 3.98
N GLN B 65 -23.23 0.96 3.69
CA GLN B 65 -24.64 0.67 3.47
C GLN B 65 -25.44 0.81 4.75
N TYR B 66 -24.86 0.39 5.89
CA TYR B 66 -25.56 0.57 7.16
C TYR B 66 -25.75 2.05 7.46
N LEU B 67 -24.71 2.87 7.27
CA LEU B 67 -24.86 4.30 7.54
C LEU B 67 -25.86 4.93 6.60
N TYR B 68 -25.86 4.53 5.33
CA TYR B 68 -26.78 5.09 4.35
C TYR B 68 -28.23 4.78 4.72
N HIS B 69 -28.51 3.54 5.10
CA HIS B 69 -29.88 3.17 5.44
C HIS B 69 -30.28 3.59 6.85
N THR B 70 -29.32 3.93 7.70
CA THR B 70 -29.60 4.34 9.08
C THR B 70 -29.53 5.84 9.29
N VAL B 71 -28.65 6.54 8.58
CA VAL B 71 -28.42 7.97 8.74
C VAL B 71 -28.99 8.70 7.53
N PRO B 72 -29.93 9.62 7.72
CA PRO B 72 -30.45 10.39 6.59
C PRO B 72 -29.38 11.26 5.95
N GLY B 73 -29.54 11.50 4.65
CA GLY B 73 -28.63 12.41 3.97
C GLY B 73 -27.20 11.92 3.86
N PHE B 74 -26.97 10.63 4.08
CA PHE B 74 -25.63 10.09 4.08
C PHE B 74 -25.08 10.01 2.66
N LYS B 75 -23.81 10.41 2.50
CA LYS B 75 -23.13 10.39 1.21
C LYS B 75 -22.02 9.34 1.27
N MET B 76 -22.22 8.23 0.54
CA MET B 76 -21.22 7.17 0.55
C MET B 76 -19.89 7.63 -0.04
N SER B 77 -19.94 8.38 -1.15
CA SER B 77 -18.70 8.78 -1.80
C SER B 77 -17.91 9.76 -0.95
N ARG B 78 -18.60 10.70 -0.29
CA ARG B 78 -17.92 11.65 0.59
C ARG B 78 -17.24 10.93 1.75
N THR B 79 -17.96 10.04 2.43
CA THR B 79 -17.38 9.35 3.58
C THR B 79 -16.27 8.40 3.15
N ALA B 80 -16.45 7.74 2.01
CA ALA B 80 -15.40 6.86 1.49
C ALA B 80 -14.16 7.66 1.12
N LYS B 81 -14.33 8.84 0.52
CA LYS B 81 -13.19 9.70 0.24
C LYS B 81 -12.47 10.08 1.52
N GLU B 82 -13.23 10.46 2.56
CA GLU B 82 -12.60 10.83 3.82
C GLU B 82 -11.82 9.66 4.41
N ALA B 83 -12.42 8.47 4.42
CA ALA B 83 -11.76 7.31 5.01
C ALA B 83 -10.52 6.91 4.23
N LEU B 84 -10.63 6.82 2.90
CA LEU B 84 -9.48 6.44 2.09
C LEU B 84 -8.36 7.46 2.21
N GLU B 85 -8.69 8.75 2.16
CA GLU B 85 -7.67 9.79 2.28
C GLU B 85 -7.00 9.75 3.65
N LYS B 86 -7.78 9.53 4.70
CA LYS B 86 -7.21 9.42 6.04
C LYS B 86 -6.23 8.26 6.12
N GLY B 87 -6.66 7.07 5.66
CA GLY B 87 -5.79 5.92 5.72
C GLY B 87 -4.56 6.06 4.85
N LEU B 88 -4.71 6.69 3.68
CA LEU B 88 -3.57 6.85 2.78
C LEU B 88 -2.59 7.87 3.32
N LYS B 89 -3.08 8.94 3.96
CA LYS B 89 -2.15 9.88 4.58
C LYS B 89 -1.41 9.23 5.75
N GLU B 90 -2.09 8.39 6.52
CA GLU B 90 -1.38 7.65 7.56
C GLU B 90 -0.34 6.72 6.96
N MET B 91 -0.67 6.08 5.83
CA MET B 91 0.27 5.16 5.21
C MET B 91 1.43 5.89 4.55
N TYR B 92 1.16 6.97 3.82
CA TYR B 92 2.17 7.70 3.05
C TYR B 92 2.05 9.19 3.35
N PRO B 93 2.43 9.62 4.56
CA PRO B 93 2.23 11.04 4.92
C PRO B 93 2.93 12.03 4.02
N THR B 94 4.19 11.78 3.62
CA THR B 94 4.90 12.74 2.78
C THR B 94 4.31 12.78 1.38
N LEU B 95 4.08 11.61 0.78
CA LEU B 95 3.50 11.56 -0.56
C LEU B 95 2.09 12.13 -0.55
N PHE B 96 1.31 11.82 0.50
CA PHE B 96 -0.03 12.37 0.57
C PHE B 96 0.00 13.87 0.74
N THR B 97 0.95 14.39 1.52
CA THR B 97 1.05 15.84 1.68
C THR B 97 1.42 16.53 0.37
N ILE B 98 2.32 15.91 -0.41
CA ILE B 98 2.66 16.47 -1.72
C ILE B 98 1.41 16.50 -2.61
N ALA B 99 0.69 15.37 -2.67
CA ALA B 99 -0.52 15.30 -3.49
C ALA B 99 -1.57 16.29 -3.00
N GLU B 100 -1.68 16.44 -1.68
CA GLU B 100 -2.65 17.35 -1.08
C GLU B 100 -2.36 18.79 -1.44
N LYS B 101 -1.08 19.19 -1.39
CA LYS B 101 -0.71 20.54 -1.81
C LYS B 101 -0.98 20.75 -3.29
N ILE B 102 -0.68 19.74 -4.12
CA ILE B 102 -0.97 19.87 -5.54
C ILE B 102 -2.46 20.05 -5.78
N ALA B 103 -3.29 19.26 -5.09
CA ALA B 103 -4.73 19.37 -5.24
C ALA B 103 -5.25 20.73 -4.75
N LYS B 104 -4.70 21.23 -3.64
CA LYS B 104 -5.11 22.53 -3.14
C LYS B 104 -4.78 23.64 -4.12
N GLU B 105 -3.52 23.69 -4.57
CA GLU B 105 -3.11 24.73 -5.51
C GLU B 105 -3.56 24.45 -6.94
N ARG B 106 -4.31 23.37 -7.16
CA ARG B 106 -4.81 23.05 -8.49
C ARG B 106 -5.99 23.95 -8.90
N PHE B 107 -6.60 24.66 -7.95
CA PHE B 107 -7.80 25.43 -8.23
C PHE B 107 -7.47 26.57 -9.18
N LYS B 108 -7.77 26.37 -10.46
CA LYS B 108 -7.69 27.42 -11.49
C LYS B 108 -6.38 28.21 -11.44
N GLU C 35 -28.85 -2.22 18.13
CA GLU C 35 -27.89 -1.68 19.09
C GLU C 35 -26.67 -2.60 19.23
N GLU C 36 -26.88 -3.76 19.84
CA GLU C 36 -25.82 -4.73 20.08
C GLU C 36 -25.85 -5.90 19.11
N GLU C 37 -27.04 -6.35 18.72
CA GLU C 37 -27.21 -7.52 17.87
C GLU C 37 -28.03 -7.24 16.62
N LYS C 38 -28.66 -6.06 16.51
CA LYS C 38 -29.48 -5.72 15.35
C LYS C 38 -28.65 -5.46 14.10
N ILE C 39 -27.42 -4.95 14.23
CA ILE C 39 -26.65 -4.58 13.05
C ILE C 39 -26.32 -5.80 12.20
N LYS C 40 -25.98 -6.93 12.85
CA LYS C 40 -25.65 -8.12 12.07
C LYS C 40 -26.84 -8.58 11.25
N ASN C 41 -28.02 -8.66 11.86
CA ASN C 41 -29.19 -9.12 11.12
C ASN C 41 -29.60 -8.13 10.03
N ASP C 42 -29.62 -6.83 10.33
CA ASP C 42 -30.08 -5.87 9.33
C ASP C 42 -29.15 -5.81 8.12
N MET C 43 -27.84 -5.74 8.35
CA MET C 43 -26.90 -5.63 7.23
C MET C 43 -26.33 -6.98 6.81
N LEU C 44 -26.91 -8.08 7.29
CA LEU C 44 -26.55 -9.41 6.81
C LEU C 44 -27.23 -9.71 5.48
N LYS C 45 -28.31 -9.00 5.15
CA LYS C 45 -28.95 -9.13 3.83
C LYS C 45 -28.03 -8.67 2.71
N TYR C 46 -27.31 -7.57 2.92
CA TYR C 46 -26.60 -6.90 1.84
C TYR C 46 -25.25 -7.53 1.49
N ILE C 47 -24.97 -8.74 1.97
CA ILE C 47 -23.71 -9.39 1.58
C ILE C 47 -23.76 -9.83 0.13
N GLU C 48 -24.91 -10.35 -0.32
CA GLU C 48 -25.02 -10.84 -1.71
C GLU C 48 -24.74 -9.75 -2.73
N LYS C 49 -24.88 -8.47 -2.36
CA LYS C 49 -24.63 -7.41 -3.31
C LYS C 49 -23.14 -7.31 -3.64
N ASP C 50 -22.84 -6.56 -4.69
CA ASP C 50 -21.45 -6.36 -5.11
C ASP C 50 -20.81 -5.29 -4.26
N PRO C 51 -19.68 -5.54 -3.60
CA PRO C 51 -19.08 -4.50 -2.75
C PRO C 51 -18.28 -3.48 -3.55
N LYS C 52 -18.84 -2.97 -4.64
CA LYS C 52 -18.14 -1.97 -5.43
C LYS C 52 -18.18 -0.60 -4.73
N ILE C 53 -17.03 0.05 -4.61
CA ILE C 53 -16.93 1.35 -3.95
C ILE C 53 -16.18 2.30 -4.87
N GLY C 54 -16.76 3.48 -5.10
CA GLY C 54 -16.16 4.48 -5.97
C GLY C 54 -15.79 5.75 -5.24
N VAL C 55 -14.55 6.21 -5.42
CA VAL C 55 -14.04 7.41 -4.77
C VAL C 55 -13.39 8.30 -5.83
N TRP C 56 -13.69 9.59 -5.78
CA TRP C 56 -13.09 10.59 -6.66
C TRP C 56 -12.26 11.54 -5.82
N SER C 57 -10.94 11.38 -5.86
CA SER C 57 -10.06 12.12 -4.95
C SER C 57 -8.73 12.37 -5.64
N TYR C 58 -8.41 13.64 -5.90
CA TYR C 58 -7.13 13.98 -6.51
C TYR C 58 -5.93 13.61 -5.65
N PRO C 59 -5.88 13.89 -4.35
CA PRO C 59 -4.69 13.49 -3.58
C PRO C 59 -4.41 11.99 -3.62
N ALA C 60 -5.43 11.19 -3.34
CA ALA C 60 -5.25 9.74 -3.37
C ALA C 60 -4.91 9.26 -4.77
N PHE C 61 -5.55 9.82 -5.79
CA PHE C 61 -5.26 9.42 -7.16
C PHE C 61 -3.81 9.73 -7.52
N LEU C 62 -3.33 10.91 -7.13
CA LEU C 62 -1.94 11.27 -7.44
C LEU C 62 -0.97 10.36 -6.70
N VAL C 63 -1.23 10.07 -5.42
CA VAL C 63 -0.34 9.19 -4.67
C VAL C 63 -0.30 7.80 -5.29
N LEU C 64 -1.48 7.25 -5.60
CA LEU C 64 -1.57 5.92 -6.17
C LEU C 64 -0.91 5.87 -7.54
N GLN C 65 -1.13 6.89 -8.37
CA GLN C 65 -0.58 6.89 -9.71
C GLN C 65 0.95 7.06 -9.69
N TYR C 66 1.46 7.87 -8.75
CA TYR C 66 2.91 7.97 -8.61
C TYR C 66 3.50 6.62 -8.21
N LEU C 67 2.89 5.95 -7.23
CA LEU C 67 3.44 4.67 -6.79
C LEU C 67 3.33 3.61 -7.87
N TYR C 68 2.22 3.59 -8.62
CA TYR C 68 2.01 2.58 -9.65
C TYR C 68 3.07 2.65 -10.73
N HIS C 69 3.36 3.86 -11.22
CA HIS C 69 4.33 4.02 -12.30
C HIS C 69 5.76 4.00 -11.81
N THR C 70 5.98 4.13 -10.50
CA THR C 70 7.33 4.25 -9.98
C THR C 70 7.89 2.96 -9.39
N VAL C 71 7.08 2.17 -8.69
CA VAL C 71 7.55 0.92 -8.10
C VAL C 71 6.85 -0.24 -8.79
N PRO C 72 7.59 -1.19 -9.36
CA PRO C 72 6.96 -2.34 -10.02
C PRO C 72 6.18 -3.20 -9.03
N GLY C 73 5.18 -3.89 -9.56
CA GLY C 73 4.35 -4.79 -8.79
C GLY C 73 3.46 -4.12 -7.78
N PHE C 74 3.33 -2.80 -7.85
CA PHE C 74 2.43 -2.06 -6.97
C PHE C 74 1.02 -2.23 -7.50
N LYS C 75 0.06 -2.50 -6.63
CA LYS C 75 -1.33 -2.50 -7.05
C LYS C 75 -2.09 -1.39 -6.36
N MET C 76 -2.76 -0.58 -7.18
CA MET C 76 -3.54 0.56 -6.69
C MET C 76 -4.79 0.12 -5.94
N SER C 77 -5.49 -0.89 -6.45
CA SER C 77 -6.74 -1.31 -5.82
C SER C 77 -6.50 -1.97 -4.47
N ARG C 78 -5.45 -2.78 -4.36
CA ARG C 78 -5.12 -3.41 -3.08
C ARG C 78 -4.78 -2.37 -2.03
N THR C 79 -3.91 -1.42 -2.39
CA THR C 79 -3.51 -0.38 -1.45
C THR C 79 -4.68 0.54 -1.12
N ALA C 80 -5.53 0.83 -2.10
CA ALA C 80 -6.72 1.63 -1.86
C ALA C 80 -7.69 0.94 -0.93
N LYS C 81 -7.86 -0.38 -1.08
CA LYS C 81 -8.69 -1.13 -0.13
C LYS C 81 -8.11 -1.03 1.27
N GLU C 82 -6.79 -1.19 1.40
CA GLU C 82 -6.17 -1.09 2.71
C GLU C 82 -6.38 0.29 3.33
N ALA C 83 -6.19 1.35 2.55
CA ALA C 83 -6.35 2.70 3.05
C ALA C 83 -7.79 2.98 3.46
N LEU C 84 -8.74 2.61 2.59
CA LEU C 84 -10.16 2.83 2.90
C LEU C 84 -10.56 2.06 4.16
N GLU C 85 -10.13 0.80 4.26
CA GLU C 85 -10.48 -0.01 5.43
C GLU C 85 -9.87 0.59 6.69
N LYS C 86 -8.62 1.05 6.62
CA LYS C 86 -7.99 1.67 7.78
C LYS C 86 -8.75 2.91 8.23
N GLY C 87 -9.04 3.82 7.29
CA GLY C 87 -9.70 5.05 7.66
C GLY C 87 -11.11 4.83 8.19
N LEU C 88 -11.85 3.90 7.57
CA LEU C 88 -13.21 3.64 8.04
C LEU C 88 -13.21 2.91 9.37
N LYS C 89 -12.25 2.02 9.59
CA LYS C 89 -12.13 1.33 10.87
C LYS C 89 -11.80 2.32 11.99
N GLU C 90 -10.92 3.29 11.71
CA GLU C 90 -10.65 4.34 12.69
C GLU C 90 -11.88 5.20 12.93
N MET C 91 -12.62 5.53 11.87
CA MET C 91 -13.80 6.40 12.02
C MET C 91 -14.94 5.67 12.73
N TYR C 92 -15.23 4.44 12.33
CA TYR C 92 -16.36 3.69 12.86
C TYR C 92 -15.90 2.30 13.30
N PRO C 93 -15.11 2.22 14.38
CA PRO C 93 -14.60 0.92 14.82
C PRO C 93 -15.68 -0.09 15.14
N THR C 94 -16.78 0.36 15.75
CA THR C 94 -17.84 -0.56 16.14
C THR C 94 -18.50 -1.17 14.92
N LEU C 95 -18.87 -0.36 13.94
CA LEU C 95 -19.47 -0.88 12.72
C LEU C 95 -18.46 -1.67 11.89
N PHE C 96 -17.21 -1.22 11.83
CA PHE C 96 -16.21 -1.90 11.02
C PHE C 96 -15.90 -3.30 11.55
N THR C 97 -15.83 -3.47 12.87
CA THR C 97 -15.53 -4.80 13.40
C THR C 97 -16.65 -5.78 13.07
N ILE C 98 -17.91 -5.33 13.19
CA ILE C 98 -19.05 -6.16 12.82
C ILE C 98 -18.99 -6.51 11.34
N ALA C 99 -18.74 -5.51 10.50
CA ALA C 99 -18.69 -5.74 9.05
C ALA C 99 -17.58 -6.71 8.69
N GLU C 100 -16.42 -6.58 9.33
CA GLU C 100 -15.30 -7.48 9.07
C GLU C 100 -15.64 -8.90 9.50
N LYS C 101 -16.30 -9.05 10.65
CA LYS C 101 -16.73 -10.36 11.10
C LYS C 101 -17.71 -10.98 10.12
N ILE C 102 -18.66 -10.20 9.61
CA ILE C 102 -19.62 -10.70 8.64
C ILE C 102 -18.91 -11.11 7.34
N ALA C 103 -17.96 -10.29 6.88
CA ALA C 103 -17.26 -10.58 5.63
C ALA C 103 -16.44 -11.86 5.75
N LYS C 104 -15.75 -12.05 6.87
CA LYS C 104 -15.00 -13.30 7.05
C LYS C 104 -15.92 -14.47 7.35
N GLU C 105 -17.13 -14.20 7.83
CA GLU C 105 -18.06 -15.25 8.22
C GLU C 105 -18.73 -15.91 7.02
N ARG C 106 -18.90 -15.18 5.92
CA ARG C 106 -19.49 -15.72 4.71
C ARG C 106 -18.57 -16.75 4.06
S SO4 D . 5.96 0.37 -0.97
O1 SO4 D . 4.87 1.23 -0.58
O2 SO4 D . 5.91 0.11 -2.41
O3 SO4 D . 5.87 -0.89 -0.24
O4 SO4 D . 7.24 1.02 -0.65
S SO4 E . -10.17 16.85 -4.42
O1 SO4 E . -11.61 17.11 -4.40
O2 SO4 E . -9.46 18.07 -4.77
O3 SO4 E . -9.74 16.38 -3.11
O4 SO4 E . -9.90 15.82 -5.42
#